data_9BXB
#
_entry.id   9BXB
#
_cell.length_a   55.836
_cell.length_b   65.373
_cell.length_c   84.045
_cell.angle_alpha   90.00
_cell.angle_beta   90.00
_cell.angle_gamma   90.00
#
_symmetry.space_group_name_H-M   'P 21 21 21'
#
loop_
_entity.id
_entity.type
_entity.pdbx_description
1 polymer 'HIV-1 LM/HS clade A/E CRF01 gp120 core'
2 non-polymer 2-acetamido-2-deoxy-beta-D-glucopyranose
3 non-polymer '4-(2-HYDROXYETHYL)-1-PIPERAZINE ETHANESULFONIC ACID'
4 non-polymer (3S)-1-(N-carbamimidoylglycyl)-N-(4-chloro-3-fluorophenyl)piperidine-3-carboxamide
5 water water
#
_entity_poly.entity_id   1
_entity_poly.type   'polypeptide(L)'
_entity_poly.pdbx_seq_one_letter_code
;VPVWKDADTTLFCASDAKAYETEVHNVWATHACVPTDPNPQEIHLENVTENFNMWKNNMVEQMHEDIISLWDQSLQPCVK
LTGGSVIKQACPKISFDPIPIHYCTPAGYVILKCNDKNFNGTGPCKNVSSVQCTHGIKPVVSTQLLLNGSLAEEEIIIRS
ENLTNNAKTIIVHLNKSVEINCTRPSNGGSGSGGDIRKAYCEINGTKWNKVLKQVTEKLKEHFNNKTIIFQPPSGGDLEI
TMHSFNCRGEFFYCNTTQLFNNTCIGNETMKGCNGTITLPCKIKQIINMWQGTGQAMYAPPIDGKINCVSNITGILLTRD
GGANNTSNETFRPGGGDMRDNWRSELYKYKVVQIE
;
_entity_poly.pdbx_strand_id   A
#
loop_
_chem_comp.id
_chem_comp.type
_chem_comp.name
_chem_comp.formula
A1AS5 non-polymer (3S)-1-(N-carbamimidoylglycyl)-N-(4-chloro-3-fluorophenyl)piperidine-3-carboxamide 'C15 H19 Cl F N5 O2'
EPE non-polymer '4-(2-HYDROXYETHYL)-1-PIPERAZINE ETHANESULFONIC ACID' 'C8 H18 N2 O4 S'
NAG D-saccharide, beta linking 2-acetamido-2-deoxy-beta-D-glucopyranose 'C8 H15 N O6'
#
# COMPACT_ATOMS: atom_id res chain seq x y z
N VAL A 3 -26.35 -20.18 3.29
CA VAL A 3 -26.39 -19.81 1.88
C VAL A 3 -26.56 -18.29 1.71
N TRP A 4 -25.44 -17.65 1.39
CA TRP A 4 -25.22 -16.21 1.61
C TRP A 4 -25.89 -15.25 0.64
N LYS A 5 -25.38 -14.01 0.65
CA LYS A 5 -25.89 -12.89 -0.13
C LYS A 5 -24.94 -11.72 0.06
N ASP A 6 -24.60 -11.05 -1.03
CA ASP A 6 -23.67 -9.93 -0.95
C ASP A 6 -24.21 -8.82 -0.07
N ALA A 7 -23.54 -8.60 1.08
CA ALA A 7 -23.96 -7.63 2.07
C ALA A 7 -22.77 -6.86 2.62
N ASP A 8 -23.08 -5.83 3.40
CA ASP A 8 -22.07 -4.97 4.05
C ASP A 8 -22.38 -4.93 5.54
N THR A 9 -21.59 -5.62 6.35
CA THR A 9 -21.72 -5.51 7.79
C THR A 9 -20.55 -4.73 8.36
N THR A 10 -20.84 -3.91 9.38
CA THR A 10 -19.75 -3.26 10.11
C THR A 10 -18.82 -4.30 10.68
N LEU A 11 -17.54 -4.15 10.39
CA LEU A 11 -16.57 -5.17 10.77
C LEU A 11 -16.01 -4.87 12.16
N PHE A 12 -15.09 -5.72 12.60
CA PHE A 12 -14.35 -5.47 13.81
C PHE A 12 -12.92 -5.95 13.59
N CYS A 13 -11.99 -5.44 14.38
CA CYS A 13 -10.59 -5.75 14.12
C CYS A 13 -10.00 -6.53 15.28
N ALA A 14 -8.98 -7.32 14.95
CA ALA A 14 -8.21 -8.04 15.94
C ALA A 14 -6.74 -7.93 15.55
N SER A 15 -5.88 -7.92 16.56
CA SER A 15 -4.45 -7.83 16.32
C SER A 15 -3.74 -8.32 17.57
N ASP A 16 -2.46 -8.58 17.41
CA ASP A 16 -1.61 -8.98 18.52
C ASP A 16 -0.90 -7.76 19.11
N ALA A 17 -1.64 -6.66 19.27
CA ALA A 17 -1.04 -5.46 19.82
C ALA A 17 -0.74 -5.63 21.30
N LYS A 18 0.42 -5.10 21.71
CA LYS A 18 0.86 -5.11 23.10
C LYS A 18 0.24 -3.94 23.84
N ALA A 19 -0.50 -4.24 24.91
CA ALA A 19 -0.96 -3.20 25.82
C ALA A 19 0.22 -2.60 26.55
N TYR A 20 0.11 -1.32 26.91
CA TYR A 20 1.17 -0.59 27.58
C TYR A 20 2.42 -0.42 26.74
N GLU A 21 2.30 -0.58 25.42
CA GLU A 21 3.37 -0.22 24.51
C GLU A 21 3.12 1.19 24.02
N THR A 22 4.21 1.90 23.72
CA THR A 22 4.10 3.32 23.39
C THR A 22 3.87 3.57 21.91
N GLU A 23 4.06 2.55 21.06
CA GLU A 23 3.81 2.71 19.64
C GLU A 23 2.33 2.90 19.34
N VAL A 24 2.03 3.90 18.50
CA VAL A 24 0.65 4.34 18.29
C VAL A 24 -0.22 3.25 17.67
N HIS A 25 0.34 2.38 16.83
CA HIS A 25 -0.48 1.32 16.26
C HIS A 25 -0.91 0.35 17.34
N ASN A 26 -0.01 0.05 18.28
CA ASN A 26 -0.36 -0.82 19.41
C ASN A 26 -1.38 -0.14 20.32
N VAL A 27 -1.24 1.17 20.55
CA VAL A 27 -2.19 1.85 21.42
C VAL A 27 -3.57 1.87 20.80
N TRP A 28 -3.66 2.21 19.51
CA TRP A 28 -4.95 2.21 18.84
C TRP A 28 -5.56 0.82 18.83
N ALA A 29 -4.76 -0.20 18.49
CA ALA A 29 -5.29 -1.57 18.45
C ALA A 29 -5.73 -2.04 19.83
N THR A 30 -5.12 -1.51 20.89
CA THR A 30 -5.42 -1.96 22.25
C THR A 30 -6.79 -1.50 22.73
N HIS A 31 -7.17 -0.27 22.36
N HIS A 31 -7.18 -0.30 22.33
CA HIS A 31 -8.48 0.30 22.67
CA HIS A 31 -8.48 0.27 22.67
C HIS A 31 -9.47 0.16 21.51
C HIS A 31 -9.46 0.21 21.50
N ALA A 32 -9.03 -0.26 20.32
CA ALA A 32 -10.01 -0.35 19.24
C ALA A 32 -10.22 -1.74 18.63
N CYS A 33 -9.41 -2.73 18.93
CA CYS A 33 -9.62 -4.06 18.38
C CYS A 33 -9.97 -5.04 19.49
N VAL A 34 -10.53 -6.17 19.11
CA VAL A 34 -11.09 -7.08 20.10
C VAL A 34 -10.03 -7.50 21.12
N PRO A 35 -10.36 -7.48 22.42
CA PRO A 35 -9.52 -8.19 23.40
C PRO A 35 -9.55 -9.68 23.13
N THR A 36 -10.12 -10.41 24.07
CA THR A 36 -10.68 -11.72 23.76
C THR A 36 -9.66 -12.72 23.26
N ASP A 37 -8.91 -12.36 22.20
CA ASP A 37 -7.82 -13.22 21.76
C ASP A 37 -8.41 -14.37 20.95
N PRO A 38 -8.82 -14.14 19.71
CA PRO A 38 -9.80 -15.04 19.08
C PRO A 38 -9.13 -16.19 18.33
N ASN A 39 -9.97 -17.07 17.83
CA ASN A 39 -9.54 -18.28 17.13
C ASN A 39 -10.42 -18.41 15.89
N PRO A 40 -10.20 -17.58 14.87
CA PRO A 40 -11.09 -17.66 13.71
C PRO A 40 -10.71 -18.89 12.90
N GLN A 41 -11.63 -19.45 12.13
CA GLN A 41 -11.23 -20.67 11.46
C GLN A 41 -11.78 -20.68 10.04
N GLU A 42 -11.20 -21.54 9.23
CA GLU A 42 -11.47 -21.60 7.81
C GLU A 42 -12.30 -22.83 7.46
N ILE A 43 -13.01 -22.69 6.36
CA ILE A 43 -13.79 -23.79 5.80
C ILE A 43 -13.82 -23.76 4.27
N HIS A 44 -13.32 -24.81 3.64
CA HIS A 44 -13.31 -24.87 2.18
C HIS A 44 -14.72 -25.08 1.65
N LEU A 45 -15.04 -24.38 0.56
CA LEU A 45 -16.34 -24.47 -0.08
C LEU A 45 -16.19 -25.32 -1.34
N GLU A 46 -16.34 -26.64 -1.14
CA GLU A 46 -16.05 -27.61 -2.20
C GLU A 46 -16.94 -27.36 -3.41
N ASN A 47 -16.36 -27.46 -4.59
CA ASN A 47 -17.10 -27.34 -5.86
C ASN A 47 -17.77 -25.98 -6.04
N VAL A 48 -17.24 -24.94 -5.39
CA VAL A 48 -17.93 -23.67 -5.35
C VAL A 48 -17.11 -22.61 -6.06
N THR A 49 -17.79 -21.75 -6.81
CA THR A 49 -17.17 -20.63 -7.50
C THR A 49 -17.98 -19.38 -7.25
N GLU A 50 -17.28 -18.24 -7.18
CA GLU A 50 -17.87 -16.98 -6.76
C GLU A 50 -17.12 -15.83 -7.43
N ASN A 51 -17.83 -14.75 -7.68
CA ASN A 51 -17.25 -13.57 -8.33
C ASN A 51 -16.80 -12.56 -7.29
N PHE A 52 -15.67 -11.90 -7.57
CA PHE A 52 -15.08 -10.92 -6.67
C PHE A 52 -14.85 -9.63 -7.45
N ASN A 53 -14.88 -8.51 -6.74
CA ASN A 53 -14.48 -7.22 -7.34
C ASN A 53 -13.71 -6.44 -6.29
N MET A 54 -12.39 -6.46 -6.40
CA MET A 54 -11.53 -5.76 -5.45
C MET A 54 -11.69 -4.24 -5.54
N TRP A 55 -12.23 -3.72 -6.65
CA TRP A 55 -12.43 -2.28 -6.81
C TRP A 55 -13.77 -1.80 -6.28
N LYS A 56 -14.68 -2.73 -5.99
CA LYS A 56 -15.97 -2.42 -5.41
C LYS A 56 -16.13 -3.28 -4.16
N ASN A 57 -15.35 -2.96 -3.13
CA ASN A 57 -15.25 -3.77 -1.92
C ASN A 57 -15.44 -2.89 -0.71
N ASN A 58 -16.50 -3.16 0.06
CA ASN A 58 -16.76 -2.34 1.23
C ASN A 58 -15.72 -2.52 2.32
N MET A 59 -15.03 -3.66 2.35
CA MET A 59 -13.96 -3.84 3.32
C MET A 59 -12.86 -2.80 3.12
N VAL A 60 -12.64 -2.37 1.87
CA VAL A 60 -11.64 -1.33 1.60
C VAL A 60 -12.00 -0.06 2.35
N GLU A 61 -13.26 0.37 2.25
CA GLU A 61 -13.67 1.61 2.92
C GLU A 61 -13.77 1.45 4.43
N GLN A 62 -13.97 0.23 4.91
CA GLN A 62 -14.02 -0.06 6.37
C GLN A 62 -12.61 0.15 6.93
N MET A 63 -11.62 -0.46 6.30
CA MET A 63 -10.24 -0.22 6.68
C MET A 63 -9.90 1.25 6.58
N HIS A 64 -10.30 1.90 5.49
CA HIS A 64 -10.00 3.32 5.31
C HIS A 64 -10.53 4.13 6.48
N GLU A 65 -11.73 3.82 6.97
CA GLU A 65 -12.25 4.52 8.14
C GLU A 65 -11.34 4.28 9.35
N ASP A 66 -10.80 3.08 9.54
CA ASP A 66 -9.94 2.84 10.69
C ASP A 66 -8.65 3.67 10.62
N ILE A 67 -7.90 3.56 9.51
CA ILE A 67 -6.60 4.22 9.41
C ILE A 67 -6.72 5.73 9.57
N ILE A 68 -7.72 6.34 8.92
CA ILE A 68 -8.00 7.78 9.12
C ILE A 68 -8.20 8.09 10.61
N SER A 69 -9.02 7.29 11.29
CA SER A 69 -9.21 7.46 12.73
C SER A 69 -7.92 7.22 13.50
N LEU A 70 -7.11 6.23 13.08
CA LEU A 70 -5.85 5.94 13.77
C LEU A 70 -4.85 7.10 13.63
N TRP A 71 -4.76 7.71 12.45
CA TRP A 71 -3.76 8.75 12.24
C TRP A 71 -4.17 10.06 12.91
N ASP A 72 -5.48 10.35 12.96
CA ASP A 72 -5.95 11.56 13.61
C ASP A 72 -5.70 11.52 15.11
N GLN A 73 -5.79 10.35 15.74
CA GLN A 73 -5.60 10.19 17.19
C GLN A 73 -4.12 10.10 17.59
N SER A 74 -3.24 9.74 16.65
CA SER A 74 -1.85 9.38 16.95
C SER A 74 -0.85 10.37 16.37
N LEU A 75 -1.07 10.82 15.14
CA LEU A 75 -0.13 11.69 14.44
C LEU A 75 -0.81 13.05 14.29
N GLN A 76 -0.76 13.80 15.34
CA GLN A 76 -1.45 15.09 15.33
C GLN A 76 -0.51 16.18 14.82
N PRO A 77 -0.94 16.96 13.82
CA PRO A 77 -0.11 18.08 13.35
C PRO A 77 -0.20 19.25 14.30
N CYS A 78 0.92 19.98 14.40
CA CYS A 78 0.97 21.19 15.19
C CYS A 78 -0.01 22.25 14.68
N VAL A 79 -0.21 22.34 13.37
CA VAL A 79 -1.09 23.34 12.79
C VAL A 79 -1.91 22.71 11.68
N LYS A 80 -3.20 23.08 11.61
CA LYS A 80 -4.12 22.51 10.64
C LYS A 80 -4.77 23.59 9.80
N ILE A 87 -6.28 25.86 13.61
CA ILE A 87 -6.04 24.86 14.65
C ILE A 87 -4.56 24.81 15.02
N LYS A 88 -4.25 25.21 16.25
CA LYS A 88 -2.88 25.25 16.75
C LYS A 88 -2.85 24.45 18.05
N GLN A 89 -2.25 23.26 18.00
CA GLN A 89 -2.37 22.31 19.10
C GLN A 89 -1.01 21.66 19.34
N ALA A 90 -1.02 20.69 20.27
CA ALA A 90 0.14 19.84 20.55
C ALA A 90 0.45 18.93 19.37
N CYS A 91 1.71 18.49 19.31
CA CYS A 91 2.19 17.58 18.30
C CYS A 91 3.48 16.92 18.79
N PRO A 92 3.41 15.99 19.72
CA PRO A 92 4.65 15.38 20.22
C PRO A 92 5.22 14.44 19.17
N LYS A 93 6.51 14.14 19.33
CA LYS A 93 7.10 13.05 18.57
C LYS A 93 6.58 11.73 19.12
N ILE A 94 6.31 10.78 18.22
CA ILE A 94 5.58 9.57 18.54
C ILE A 94 6.36 8.36 18.04
N SER A 95 6.06 7.21 18.65
CA SER A 95 6.53 5.91 18.20
C SER A 95 5.63 5.36 17.10
N PHE A 96 6.22 5.01 15.95
CA PHE A 96 5.46 4.70 14.75
C PHE A 96 6.08 3.51 14.03
N ASP A 97 5.43 2.34 14.10
CA ASP A 97 5.82 1.19 13.28
C ASP A 97 4.61 0.31 12.98
N PRO A 98 4.02 0.39 11.79
CA PRO A 98 2.72 -0.27 11.57
C PRO A 98 2.77 -1.74 11.95
N ILE A 99 1.69 -2.21 12.57
CA ILE A 99 1.52 -3.63 12.93
C ILE A 99 0.39 -4.24 12.10
N PRO A 100 0.35 -5.56 11.93
CA PRO A 100 -0.73 -6.16 11.14
C PRO A 100 -2.08 -6.03 11.84
N ILE A 101 -3.13 -5.81 11.03
CA ILE A 101 -4.49 -5.72 11.53
C ILE A 101 -5.32 -6.76 10.80
N HIS A 102 -6.08 -7.55 11.55
CA HIS A 102 -7.01 -8.51 10.99
C HIS A 102 -8.43 -7.95 11.06
N TYR A 103 -9.18 -8.14 9.97
CA TYR A 103 -10.58 -7.75 9.88
C TYR A 103 -11.48 -8.96 9.94
N CYS A 104 -12.52 -8.88 10.77
CA CYS A 104 -13.38 -10.01 11.09
C CYS A 104 -14.85 -9.59 11.05
N THR A 105 -15.68 -10.49 10.54
CA THR A 105 -17.12 -10.41 10.44
C THR A 105 -17.77 -10.82 11.76
N PRO A 106 -18.80 -10.11 12.21
CA PRO A 106 -19.52 -10.59 13.39
C PRO A 106 -20.43 -11.76 13.04
N ALA A 107 -21.17 -12.23 14.04
CA ALA A 107 -22.07 -13.37 13.85
C ALA A 107 -23.12 -13.07 12.78
N GLY A 108 -23.49 -14.10 12.03
CA GLY A 108 -24.38 -13.93 10.89
C GLY A 108 -23.72 -13.39 9.66
N TYR A 109 -22.39 -13.45 9.58
CA TYR A 109 -21.66 -12.87 8.46
C TYR A 109 -20.37 -13.63 8.28
N VAL A 110 -19.96 -13.80 7.02
CA VAL A 110 -18.71 -14.48 6.74
C VAL A 110 -17.94 -13.68 5.69
N ILE A 111 -16.63 -13.81 5.76
CA ILE A 111 -15.72 -13.37 4.71
C ILE A 111 -15.51 -14.51 3.74
N LEU A 112 -15.65 -14.23 2.45
CA LEU A 112 -15.27 -15.16 1.39
C LEU A 112 -13.88 -14.78 0.89
N LYS A 113 -13.01 -15.78 0.79
CA LYS A 113 -11.59 -15.60 0.51
C LYS A 113 -11.21 -16.41 -0.73
N CYS A 114 -10.43 -15.80 -1.61
CA CYS A 114 -10.06 -16.44 -2.86
C CYS A 114 -8.66 -17.02 -2.70
N ASN A 115 -8.54 -18.33 -2.94
CA ASN A 115 -7.29 -19.04 -2.81
C ASN A 115 -6.64 -19.31 -4.16
N ASP A 116 -7.26 -18.87 -5.25
CA ASP A 116 -6.61 -18.96 -6.55
C ASP A 116 -5.28 -18.24 -6.47
N LYS A 117 -4.19 -18.92 -6.81
CA LYS A 117 -2.89 -18.27 -6.63
C LYS A 117 -2.52 -17.31 -7.75
N ASN A 118 -3.27 -17.26 -8.86
CA ASN A 118 -3.09 -16.21 -9.85
C ASN A 118 -4.32 -15.33 -9.98
N PHE A 119 -5.16 -15.27 -8.95
CA PHE A 119 -6.31 -14.40 -8.98
C PHE A 119 -5.84 -12.96 -9.20
N ASN A 120 -6.56 -12.22 -10.08
CA ASN A 120 -6.20 -10.84 -10.38
C ASN A 120 -7.11 -9.82 -9.71
N GLY A 121 -8.14 -10.24 -9.02
CA GLY A 121 -8.91 -9.31 -8.23
C GLY A 121 -10.37 -9.22 -8.61
N THR A 122 -10.65 -9.14 -9.90
CA THR A 122 -12.01 -9.13 -10.43
C THR A 122 -12.28 -10.45 -11.13
N GLY A 123 -13.52 -10.92 -11.03
CA GLY A 123 -13.95 -12.07 -11.78
C GLY A 123 -14.12 -13.31 -10.94
N PRO A 124 -14.24 -14.46 -11.60
CA PRO A 124 -14.56 -15.70 -10.88
C PRO A 124 -13.34 -16.32 -10.22
N CYS A 125 -13.57 -16.91 -9.05
CA CYS A 125 -12.58 -17.59 -8.25
C CYS A 125 -13.02 -19.02 -8.01
N LYS A 126 -12.09 -19.96 -8.19
CA LYS A 126 -12.43 -21.37 -8.08
C LYS A 126 -12.20 -21.90 -6.67
N ASN A 127 -11.08 -21.51 -6.06
CA ASN A 127 -10.69 -21.98 -4.74
C ASN A 127 -11.23 -21.00 -3.70
N VAL A 128 -12.49 -21.16 -3.35
CA VAL A 128 -13.17 -20.22 -2.45
C VAL A 128 -13.35 -20.87 -1.08
N SER A 129 -13.04 -20.12 -0.03
CA SER A 129 -13.23 -20.60 1.34
C SER A 129 -13.85 -19.49 2.16
N SER A 130 -14.39 -19.86 3.32
CA SER A 130 -15.03 -18.92 4.22
C SER A 130 -14.24 -18.85 5.52
N VAL A 131 -13.86 -17.63 5.90
CA VAL A 131 -13.01 -17.38 7.05
C VAL A 131 -13.68 -16.35 7.94
N GLN A 132 -13.30 -16.33 9.21
CA GLN A 132 -13.86 -15.36 10.12
C GLN A 132 -13.08 -14.05 10.10
N CYS A 133 -11.76 -14.13 9.82
CA CYS A 133 -10.91 -12.95 9.77
C CYS A 133 -10.03 -13.00 8.54
N THR A 134 -9.58 -11.81 8.14
CA THR A 134 -8.60 -11.69 7.07
C THR A 134 -7.23 -12.01 7.66
N HIS A 135 -6.19 -12.00 6.81
CA HIS A 135 -4.82 -12.11 7.28
C HIS A 135 -4.42 -10.79 7.93
N GLY A 136 -3.21 -10.75 8.48
CA GLY A 136 -2.67 -9.55 9.10
C GLY A 136 -2.25 -8.52 8.08
N ILE A 137 -2.93 -7.38 8.07
CA ILE A 137 -2.64 -6.32 7.11
C ILE A 137 -1.97 -5.17 7.83
N LYS A 138 -0.73 -4.88 7.45
CA LYS A 138 0.00 -3.69 7.92
C LYS A 138 -0.48 -2.44 7.19
N PRO A 139 -1.05 -1.45 7.89
CA PRO A 139 -1.59 -0.27 7.19
C PRO A 139 -0.51 0.76 6.84
N VAL A 140 0.30 0.44 5.85
CA VAL A 140 1.42 1.27 5.45
C VAL A 140 0.96 2.30 4.42
N VAL A 141 1.12 3.56 4.75
CA VAL A 141 0.68 4.64 3.87
C VAL A 141 1.86 5.04 3.00
N SER A 142 1.68 5.01 1.68
CA SER A 142 2.77 5.38 0.79
C SER A 142 2.22 5.67 -0.60
N THR A 143 3.06 6.29 -1.42
CA THR A 143 2.75 6.58 -2.81
C THR A 143 3.77 5.92 -3.73
N GLN A 144 3.33 5.66 -4.95
CA GLN A 144 4.08 5.02 -6.03
C GLN A 144 4.38 3.55 -5.71
N LEU A 145 5.07 3.29 -4.60
CA LEU A 145 5.44 1.92 -4.26
C LEU A 145 4.70 1.45 -3.01
N LEU A 146 4.20 0.22 -3.07
CA LEU A 146 3.54 -0.43 -1.93
C LEU A 146 4.60 -1.12 -1.08
N LEU A 147 4.62 -0.78 0.21
CA LEU A 147 5.70 -1.20 1.10
C LEU A 147 5.19 -2.19 2.14
N ASN A 148 5.99 -3.22 2.38
CA ASN A 148 5.78 -4.13 3.50
C ASN A 148 4.49 -4.94 3.37
N GLY A 149 4.01 -5.12 2.16
CA GLY A 149 2.82 -5.89 1.92
C GLY A 149 3.11 -7.36 1.67
N SER A 150 2.14 -8.04 1.10
CA SER A 150 2.30 -9.44 0.77
C SER A 150 2.68 -9.59 -0.69
N LEU A 151 3.26 -10.73 -1.03
CA LEU A 151 3.76 -10.99 -2.36
C LEU A 151 2.80 -11.92 -3.10
N ALA A 152 2.74 -11.72 -4.43
CA ALA A 152 2.02 -12.61 -5.32
C ALA A 152 2.62 -14.00 -5.26
N GLU A 153 1.77 -15.02 -5.16
CA GLU A 153 2.23 -16.38 -4.90
C GLU A 153 2.97 -16.98 -6.09
N GLU A 154 2.52 -16.70 -7.32
CA GLU A 154 3.10 -17.33 -8.47
C GLU A 154 3.60 -16.21 -9.41
N GLU A 155 2.80 -15.76 -10.36
CA GLU A 155 3.27 -14.76 -11.30
C GLU A 155 3.13 -13.35 -10.73
N ILE A 156 3.76 -12.40 -11.42
CA ILE A 156 3.45 -11.00 -11.20
C ILE A 156 2.03 -10.74 -11.70
N ILE A 157 1.22 -10.07 -10.90
CA ILE A 157 -0.18 -9.83 -11.19
C ILE A 157 -0.39 -8.35 -11.52
N ILE A 158 -1.06 -8.08 -12.64
CA ILE A 158 -1.50 -6.73 -12.98
C ILE A 158 -2.97 -6.62 -12.56
N ARG A 159 -3.27 -5.64 -11.71
CA ARG A 159 -4.62 -5.42 -11.21
C ARG A 159 -5.17 -4.09 -11.70
N SER A 160 -6.44 -4.10 -12.10
CA SER A 160 -7.08 -2.94 -12.70
C SER A 160 -8.57 -3.20 -12.72
N GLU A 161 -9.35 -2.21 -12.28
CA GLU A 161 -10.81 -2.32 -12.38
C GLU A 161 -11.23 -2.58 -13.82
N ASN A 162 -10.46 -2.09 -14.77
CA ASN A 162 -10.62 -2.37 -16.20
C ASN A 162 -9.35 -1.89 -16.91
N LEU A 163 -8.55 -2.84 -17.42
CA LEU A 163 -7.26 -2.47 -18.00
C LEU A 163 -7.41 -1.72 -19.31
N THR A 164 -8.56 -1.83 -19.98
CA THR A 164 -8.82 -1.04 -21.19
C THR A 164 -8.99 0.44 -20.89
N ASN A 165 -9.62 0.78 -19.76
CA ASN A 165 -9.83 2.18 -19.40
C ASN A 165 -8.58 2.75 -18.74
N ASN A 166 -8.03 3.81 -19.33
CA ASN A 166 -6.80 4.48 -18.89
C ASN A 166 -6.96 5.26 -17.60
N ALA A 167 -8.20 5.45 -17.15
CA ALA A 167 -8.53 6.29 -16.00
C ALA A 167 -8.45 5.54 -14.69
N LYS A 168 -8.25 4.24 -14.76
CA LYS A 168 -8.35 3.36 -13.61
C LYS A 168 -6.96 2.94 -13.18
N THR A 169 -6.68 3.10 -11.90
CA THR A 169 -5.35 2.81 -11.41
C THR A 169 -5.00 1.34 -11.62
N ILE A 170 -3.69 1.09 -11.77
CA ILE A 170 -3.14 -0.25 -11.90
C ILE A 170 -2.31 -0.57 -10.66
N ILE A 171 -2.49 -1.76 -10.11
CA ILE A 171 -1.70 -2.26 -8.99
C ILE A 171 -0.86 -3.41 -9.51
N VAL A 172 0.45 -3.23 -9.51
CA VAL A 172 1.38 -4.29 -9.88
C VAL A 172 1.73 -5.05 -8.60
N HIS A 173 1.39 -6.33 -8.56
CA HIS A 173 1.65 -7.19 -7.41
C HIS A 173 2.89 -8.02 -7.70
N LEU A 174 4.03 -7.60 -7.14
CA LEU A 174 5.29 -8.30 -7.34
C LEU A 174 5.25 -9.67 -6.66
N ASN A 175 5.83 -10.67 -7.32
CA ASN A 175 5.96 -11.99 -6.73
C ASN A 175 7.28 -12.16 -5.99
N LYS A 176 8.06 -11.09 -5.84
CA LYS A 176 9.30 -11.14 -5.08
C LYS A 176 9.66 -9.71 -4.69
N SER A 177 10.11 -9.55 -3.44
CA SER A 177 10.29 -8.25 -2.86
C SER A 177 11.70 -7.71 -3.14
N VAL A 178 11.79 -6.39 -3.23
CA VAL A 178 13.07 -5.70 -3.45
C VAL A 178 13.27 -4.75 -2.27
N GLU A 179 14.27 -5.03 -1.42
CA GLU A 179 14.49 -4.21 -0.20
C GLU A 179 14.98 -2.79 -0.53
N ILE A 180 14.32 -1.78 0.08
CA ILE A 180 14.71 -0.39 -0.05
C ILE A 180 15.04 0.12 1.36
N ASN A 181 16.19 0.74 1.53
CA ASN A 181 16.70 1.09 2.86
C ASN A 181 16.86 2.61 2.98
N CYS A 182 15.95 3.26 3.68
CA CYS A 182 15.90 4.72 3.73
C CYS A 182 16.47 5.24 5.06
N THR A 183 17.34 6.25 4.98
CA THR A 183 18.05 6.72 6.15
C THR A 183 18.12 8.24 6.14
N ARG A 184 18.01 8.84 7.32
CA ARG A 184 18.28 10.26 7.58
C ARG A 184 19.31 10.24 8.70
N PRO A 185 20.59 10.31 8.37
CA PRO A 185 21.63 10.06 9.38
C PRO A 185 21.63 11.14 10.46
N SER A 186 22.48 10.91 11.47
CA SER A 186 22.41 11.72 12.68
C SER A 186 23.30 12.95 12.54
N ASN A 187 23.24 13.83 13.54
CA ASN A 187 23.98 15.10 13.54
C ASN A 187 23.62 15.95 12.32
N SER A 192 21.90 19.63 14.82
CA SER A 192 22.58 20.90 15.04
C SER A 192 23.83 21.01 14.17
N GLY A 193 23.60 21.21 12.87
CA GLY A 193 24.69 21.24 11.92
C GLY A 193 24.27 20.58 10.63
N GLY A 194 24.14 21.37 9.57
CA GLY A 194 23.74 20.85 8.28
C GLY A 194 22.24 20.78 8.12
N ASP A 195 21.82 20.38 6.92
CA ASP A 195 20.39 20.21 6.61
C ASP A 195 19.91 18.89 7.16
N ILE A 196 19.29 18.94 8.34
CA ILE A 196 18.78 17.77 9.02
C ILE A 196 17.60 17.14 8.29
N ARG A 197 17.15 17.77 7.20
CA ARG A 197 16.05 17.23 6.41
C ARG A 197 16.51 16.33 5.28
N LYS A 198 17.77 16.49 4.83
CA LYS A 198 18.31 15.64 3.79
C LYS A 198 18.24 14.18 4.24
N ALA A 199 17.75 13.32 3.35
CA ALA A 199 17.67 11.87 3.60
C ALA A 199 18.01 11.14 2.31
N TYR A 200 18.06 9.80 2.38
CA TYR A 200 18.28 8.98 1.18
C TYR A 200 17.80 7.54 1.39
N CYS A 201 17.41 6.91 0.28
CA CYS A 201 17.08 5.49 0.21
C CYS A 201 18.07 4.81 -0.71
N GLU A 202 18.54 3.62 -0.32
CA GLU A 202 19.45 2.85 -1.13
C GLU A 202 18.73 1.61 -1.65
N ILE A 203 18.91 1.33 -2.94
CA ILE A 203 18.25 0.19 -3.58
C ILE A 203 19.30 -0.53 -4.42
N ASN A 204 19.14 -1.85 -4.52
CA ASN A 204 19.96 -2.62 -5.44
C ASN A 204 19.41 -2.41 -6.86
N GLY A 205 20.21 -1.80 -7.71
CA GLY A 205 19.76 -1.52 -9.06
C GLY A 205 19.64 -2.78 -9.89
N THR A 206 20.57 -3.72 -9.71
CA THR A 206 20.46 -4.99 -10.40
C THR A 206 19.17 -5.72 -10.03
N LYS A 207 18.89 -5.87 -8.73
CA LYS A 207 17.65 -6.50 -8.32
C LYS A 207 16.44 -5.76 -8.88
N TRP A 208 16.38 -4.44 -8.65
CA TRP A 208 15.20 -3.67 -9.01
C TRP A 208 14.93 -3.74 -10.51
N ASN A 209 15.97 -3.56 -11.33
CA ASN A 209 15.77 -3.54 -12.78
C ASN A 209 15.44 -4.93 -13.31
N LYS A 210 15.86 -5.99 -12.63
CA LYS A 210 15.42 -7.33 -13.01
C LYS A 210 13.93 -7.47 -12.83
N VAL A 211 13.42 -6.98 -11.71
CA VAL A 211 11.99 -7.06 -11.45
C VAL A 211 11.22 -6.13 -12.37
N LEU A 212 11.78 -4.96 -12.67
CA LEU A 212 11.08 -4.02 -13.53
C LEU A 212 11.01 -4.52 -14.97
N LYS A 213 12.00 -5.30 -15.41
CA LYS A 213 11.93 -5.97 -16.71
C LYS A 213 10.88 -7.06 -16.71
N GLN A 214 10.67 -7.72 -15.57
CA GLN A 214 9.62 -8.73 -15.48
C GLN A 214 8.24 -8.08 -15.46
N VAL A 215 8.11 -6.91 -14.81
CA VAL A 215 6.87 -6.16 -14.88
C VAL A 215 6.65 -5.68 -16.30
N THR A 216 7.72 -5.23 -16.96
CA THR A 216 7.63 -4.82 -18.35
C THR A 216 7.20 -5.97 -19.24
N GLU A 217 7.75 -7.18 -18.99
CA GLU A 217 7.39 -8.35 -19.78
C GLU A 217 5.92 -8.73 -19.55
N LYS A 218 5.45 -8.63 -18.30
CA LYS A 218 4.07 -8.96 -17.97
C LYS A 218 3.08 -7.93 -18.51
N LEU A 219 3.48 -6.66 -18.52
CA LEU A 219 2.64 -5.62 -19.10
C LEU A 219 2.53 -5.80 -20.61
N LYS A 220 3.59 -6.33 -21.23
CA LYS A 220 3.57 -6.59 -22.66
C LYS A 220 2.50 -7.61 -23.01
N GLU A 221 2.25 -8.56 -22.13
CA GLU A 221 1.22 -9.55 -22.40
C GLU A 221 -0.13 -8.88 -22.54
N HIS A 222 -0.41 -7.88 -21.71
CA HIS A 222 -1.72 -7.29 -21.71
C HIS A 222 -1.93 -6.30 -22.86
N PHE A 223 -0.87 -5.77 -23.44
CA PHE A 223 -1.01 -4.72 -24.44
C PHE A 223 -0.44 -5.19 -25.77
N ASN A 224 -0.87 -6.38 -26.19
CA ASN A 224 -0.57 -6.91 -27.52
C ASN A 224 0.84 -6.55 -27.92
N ASN A 225 1.79 -7.07 -27.15
CA ASN A 225 3.22 -6.83 -27.36
C ASN A 225 3.52 -5.40 -27.81
N LYS A 226 3.83 -4.53 -26.87
CA LYS A 226 3.88 -3.10 -27.14
C LYS A 226 5.00 -2.42 -26.32
N THR A 227 5.77 -1.54 -26.95
CA THR A 227 6.87 -0.91 -26.25
C THR A 227 6.32 -0.32 -24.96
N ILE A 228 6.79 -0.82 -23.84
CA ILE A 228 6.32 -0.36 -22.54
C ILE A 228 7.30 0.70 -22.06
N ILE A 229 6.80 1.91 -21.82
CA ILE A 229 7.62 3.05 -21.43
C ILE A 229 7.18 3.57 -20.07
N PHE A 230 8.15 4.02 -19.27
CA PHE A 230 7.90 4.57 -17.94
C PHE A 230 8.27 6.04 -17.92
N GLN A 231 7.40 6.88 -17.36
CA GLN A 231 7.61 8.31 -17.34
C GLN A 231 7.31 8.84 -15.96
N PRO A 232 8.25 9.54 -15.31
CA PRO A 232 7.97 10.16 -14.01
C PRO A 232 6.74 11.06 -14.09
N PRO A 233 5.98 11.16 -13.00
CA PRO A 233 4.68 11.83 -13.09
C PRO A 233 4.85 13.32 -13.35
N SER A 234 3.90 13.88 -14.11
CA SER A 234 3.79 15.32 -14.33
C SER A 234 2.73 15.95 -13.43
N GLY A 235 1.46 15.58 -13.65
CA GLY A 235 0.40 16.05 -12.78
C GLY A 235 0.57 15.56 -11.36
N GLY A 236 -0.15 16.21 -10.44
CA GLY A 236 -0.17 15.81 -9.06
C GLY A 236 0.74 16.68 -8.20
N ASP A 237 0.67 16.45 -6.89
CA ASP A 237 1.39 17.26 -5.94
C ASP A 237 2.61 16.52 -5.44
N LEU A 238 3.37 17.15 -4.55
CA LEU A 238 4.66 16.62 -4.16
C LEU A 238 4.57 15.16 -3.73
N GLU A 239 3.50 14.80 -3.02
CA GLU A 239 3.36 13.46 -2.45
C GLU A 239 3.13 12.37 -3.49
N ILE A 240 2.76 12.74 -4.71
CA ILE A 240 2.54 11.76 -5.76
C ILE A 240 3.59 11.83 -6.87
N THR A 241 4.25 12.97 -7.06
CA THR A 241 5.43 12.97 -7.90
C THR A 241 6.62 12.32 -7.21
N MET A 242 6.70 12.45 -5.90
CA MET A 242 7.73 11.82 -5.07
C MET A 242 7.17 10.56 -4.43
N HIS A 243 8.07 9.61 -4.17
CA HIS A 243 7.69 8.43 -3.41
C HIS A 243 7.60 8.86 -1.95
N SER A 244 6.38 8.87 -1.42
CA SER A 244 6.12 9.35 -0.07
C SER A 244 5.79 8.18 0.86
N PHE A 245 6.16 8.34 2.13
CA PHE A 245 5.88 7.33 3.14
C PHE A 245 6.30 7.89 4.49
N ASN A 246 5.67 7.37 5.55
CA ASN A 246 6.05 7.75 6.91
C ASN A 246 7.05 6.73 7.45
N CYS A 247 8.10 7.23 8.09
CA CYS A 247 9.18 6.40 8.61
C CYS A 247 9.44 6.84 10.04
N ARG A 248 9.08 5.99 11.00
CA ARG A 248 9.34 6.27 12.41
C ARG A 248 8.65 7.53 12.89
N GLY A 249 7.59 7.97 12.20
CA GLY A 249 6.91 9.20 12.52
C GLY A 249 7.18 10.36 11.59
N GLU A 250 8.27 10.30 10.81
CA GLU A 250 8.64 11.39 9.94
C GLU A 250 8.14 11.16 8.51
N PHE A 251 7.79 12.24 7.83
CA PHE A 251 7.30 12.19 6.46
C PHE A 251 8.48 12.29 5.48
N PHE A 252 8.63 11.27 4.63
CA PHE A 252 9.73 11.13 3.68
C PHE A 252 9.23 11.37 2.26
N TYR A 253 9.94 12.19 1.49
CA TYR A 253 9.65 12.43 0.08
C TYR A 253 10.90 12.08 -0.70
N CYS A 254 10.78 11.08 -1.57
CA CYS A 254 11.93 10.52 -2.26
C CYS A 254 11.71 10.59 -3.75
N ASN A 255 12.73 11.05 -4.46
CA ASN A 255 12.71 11.15 -5.92
C ASN A 255 12.97 9.79 -6.53
N THR A 256 11.98 9.25 -7.24
CA THR A 256 12.05 7.91 -7.81
C THR A 256 12.40 7.92 -9.29
N THR A 257 13.09 8.96 -9.75
CA THR A 257 13.38 9.07 -11.17
C THR A 257 14.32 7.96 -11.64
N GLN A 258 15.23 7.52 -10.78
CA GLN A 258 16.19 6.51 -11.15
C GLN A 258 15.58 5.13 -11.25
N LEU A 259 14.42 4.91 -10.64
CA LEU A 259 13.77 3.61 -10.70
C LEU A 259 13.00 3.41 -11.99
N PHE A 260 12.49 4.49 -12.58
CA PHE A 260 11.74 4.40 -13.82
C PHE A 260 12.55 5.02 -14.93
N ASN A 261 13.81 4.58 -15.02
CA ASN A 261 14.75 4.95 -16.08
C ASN A 261 14.55 3.98 -17.22
N ASN A 262 13.94 4.43 -18.32
CA ASN A 262 13.73 3.52 -19.42
C ASN A 262 15.03 3.01 -20.02
N THR A 263 16.18 3.54 -19.59
CA THR A 263 17.44 3.06 -20.14
C THR A 263 17.74 1.65 -19.68
N CYS A 264 17.41 1.34 -18.43
CA CYS A 264 17.90 0.14 -17.79
C CYS A 264 16.85 -0.95 -17.83
N LYS A 271 23.99 -4.00 -18.19
CA LYS A 271 23.52 -2.62 -18.10
C LYS A 271 24.60 -1.88 -17.33
N GLY A 272 25.25 -0.90 -17.94
CA GLY A 272 26.21 -0.08 -17.20
C GLY A 272 25.51 0.75 -16.15
N CYS A 273 24.65 0.12 -15.35
CA CYS A 273 23.67 0.87 -14.56
C CYS A 273 22.88 -0.08 -13.67
N ASN A 274 23.58 -0.84 -12.84
CA ASN A 274 22.88 -1.82 -12.03
C ASN A 274 23.71 -2.20 -10.82
N GLY A 275 24.29 -1.19 -10.19
CA GLY A 275 24.81 -1.25 -8.85
C GLY A 275 23.81 -0.69 -7.86
N THR A 276 24.33 -0.01 -6.83
CA THR A 276 23.50 0.55 -5.76
C THR A 276 22.94 1.90 -6.17
N ILE A 277 21.62 1.98 -6.30
CA ILE A 277 20.91 3.22 -6.62
C ILE A 277 20.66 4.00 -5.34
N THR A 278 20.91 5.31 -5.35
CA THR A 278 20.65 6.15 -4.18
C THR A 278 19.60 7.19 -4.52
N LEU A 279 18.39 7.01 -4.00
CA LEU A 279 17.33 7.97 -4.22
C LEU A 279 17.50 9.16 -3.27
N PRO A 280 17.48 10.39 -3.77
CA PRO A 280 17.49 11.55 -2.86
C PRO A 280 16.15 11.71 -2.16
N CYS A 281 16.20 11.90 -0.84
CA CYS A 281 14.98 12.10 -0.08
C CYS A 281 15.04 13.40 0.70
N LYS A 282 13.87 13.75 1.23
CA LYS A 282 13.72 14.90 2.08
C LYS A 282 12.68 14.53 3.13
N ILE A 283 12.84 15.08 4.33
CA ILE A 283 11.83 14.96 5.36
C ILE A 283 11.05 16.26 5.33
N LYS A 284 9.74 16.16 5.09
CA LYS A 284 8.88 17.33 5.02
C LYS A 284 8.14 17.53 6.32
N GLN A 285 7.84 18.80 6.59
CA GLN A 285 7.12 19.27 7.75
C GLN A 285 5.69 19.63 7.42
N ILE A 286 5.45 20.17 6.23
CA ILE A 286 4.14 20.62 5.81
C ILE A 286 3.66 19.63 4.74
N ILE A 287 2.58 18.93 5.06
CA ILE A 287 2.12 17.77 4.31
C ILE A 287 0.71 18.04 3.81
N ASN A 288 0.47 17.70 2.56
CA ASN A 288 -0.89 17.68 2.03
C ASN A 288 -1.45 16.30 2.40
N MET A 289 -2.41 16.26 3.32
CA MET A 289 -2.78 15.02 3.99
C MET A 289 -3.43 14.03 3.05
N TRP A 290 -3.01 12.76 3.16
CA TRP A 290 -3.67 11.72 2.37
C TRP A 290 -5.12 11.54 2.76
N GLN A 291 -5.52 12.02 3.95
CA GLN A 291 -6.92 11.94 4.37
C GLN A 291 -7.81 13.00 3.73
N GLY A 292 -7.28 13.86 2.87
CA GLY A 292 -8.15 14.85 2.30
C GLY A 292 -8.31 16.14 3.07
N THR A 293 -7.80 16.21 4.29
CA THR A 293 -8.08 17.32 5.20
C THR A 293 -7.20 18.54 4.95
N GLY A 294 -6.36 18.51 3.93
CA GLY A 294 -5.59 19.65 3.50
C GLY A 294 -4.14 19.59 3.94
N GLN A 295 -3.55 20.77 4.09
CA GLN A 295 -2.15 20.92 4.50
C GLN A 295 -2.06 20.98 6.02
N ALA A 296 -1.02 20.33 6.57
CA ALA A 296 -0.78 20.30 8.00
C ALA A 296 0.71 20.32 8.26
N MET A 297 1.11 21.02 9.32
CA MET A 297 2.51 21.26 9.63
C MET A 297 2.88 20.53 10.91
N TYR A 298 3.97 19.77 10.84
CA TYR A 298 4.54 18.99 11.93
C TYR A 298 5.86 19.60 12.36
N ALA A 299 6.38 19.06 13.46
CA ALA A 299 7.59 19.57 14.07
C ALA A 299 8.82 19.11 13.30
N PRO A 300 9.96 19.73 13.51
CA PRO A 300 11.16 19.37 12.75
C PRO A 300 11.66 17.99 13.16
N PRO A 301 12.46 17.34 12.30
CA PRO A 301 12.80 15.93 12.54
C PRO A 301 13.44 15.70 13.91
N ILE A 302 13.12 14.55 14.49
CA ILE A 302 13.84 14.10 15.66
C ILE A 302 15.32 14.01 15.34
N ASP A 303 16.14 14.02 16.39
CA ASP A 303 17.58 13.88 16.26
C ASP A 303 17.98 12.41 16.37
N GLY A 304 18.95 12.03 15.56
CA GLY A 304 19.46 10.68 15.53
C GLY A 304 19.18 10.02 14.20
N LYS A 305 19.59 8.76 14.11
CA LYS A 305 19.48 7.99 12.88
C LYS A 305 18.03 7.52 12.71
N ILE A 306 17.38 7.99 11.65
CA ILE A 306 16.04 7.59 11.27
C ILE A 306 16.18 6.62 10.12
N ASN A 307 15.96 5.32 10.38
CA ASN A 307 16.16 4.28 9.37
C ASN A 307 14.92 3.39 9.29
N CYS A 308 14.54 3.04 8.07
CA CYS A 308 13.44 2.12 7.75
C CYS A 308 13.89 1.24 6.61
N VAL A 309 13.93 -0.06 6.82
CA VAL A 309 14.19 -0.98 5.72
C VAL A 309 12.89 -1.73 5.42
N SER A 310 12.42 -1.56 4.19
CA SER A 310 11.13 -2.06 3.80
C SER A 310 11.25 -2.94 2.56
N ASN A 311 10.21 -3.74 2.38
CA ASN A 311 10.02 -4.55 1.19
C ASN A 311 9.15 -3.77 0.23
N ILE A 312 9.65 -3.57 -0.99
CA ILE A 312 8.80 -3.14 -2.08
C ILE A 312 8.05 -4.39 -2.54
N THR A 313 6.72 -4.38 -2.40
CA THR A 313 5.90 -5.50 -2.78
C THR A 313 4.88 -5.16 -3.85
N GLY A 314 4.77 -3.90 -4.25
CA GLY A 314 3.92 -3.54 -5.35
C GLY A 314 4.21 -2.15 -5.88
N ILE A 315 3.58 -1.84 -7.02
CA ILE A 315 3.75 -0.56 -7.70
C ILE A 315 2.39 -0.03 -8.13
N LEU A 316 2.24 1.30 -8.06
CA LEU A 316 1.02 2.00 -8.45
C LEU A 316 1.30 2.78 -9.73
N LEU A 317 0.51 2.52 -10.77
CA LEU A 317 0.75 3.11 -12.08
C LEU A 317 -0.52 3.67 -12.68
N THR A 318 -0.34 4.75 -13.46
CA THR A 318 -1.36 5.27 -14.36
C THR A 318 -0.88 5.01 -15.78
N ARG A 319 -1.82 4.74 -16.68
CA ARG A 319 -1.50 4.51 -18.08
C ARG A 319 -1.95 5.71 -18.89
N ASP A 320 -1.01 6.30 -19.62
CA ASP A 320 -1.28 7.49 -20.41
C ASP A 320 -2.39 7.23 -21.44
N GLY A 321 -3.13 8.28 -21.77
CA GLY A 321 -4.12 8.21 -22.83
C GLY A 321 -3.53 8.58 -24.19
N GLY A 322 -4.33 8.35 -25.21
CA GLY A 322 -3.97 8.72 -26.57
C GLY A 322 -2.85 7.89 -27.17
N ALA A 323 -2.84 6.57 -26.89
CA ALA A 323 -1.84 5.66 -27.43
C ALA A 323 -2.43 4.58 -28.32
N ASN A 324 -3.63 4.79 -28.85
CA ASN A 324 -4.34 3.80 -29.65
C ASN A 324 -3.88 3.74 -31.09
N ASN A 325 -3.01 4.65 -31.49
CA ASN A 325 -2.48 4.67 -32.85
C ASN A 325 -0.96 4.66 -32.85
N THR A 326 -0.38 4.11 -31.80
CA THR A 326 1.06 4.08 -31.65
C THR A 326 1.47 2.65 -31.33
N SER A 327 2.77 2.47 -31.20
CA SER A 327 3.36 1.19 -30.83
C SER A 327 3.83 1.22 -29.37
N ASN A 328 3.47 2.26 -28.62
CA ASN A 328 3.96 2.39 -27.25
C ASN A 328 2.81 2.53 -26.27
N GLU A 329 2.99 1.97 -25.07
CA GLU A 329 2.16 2.25 -23.90
C GLU A 329 3.10 2.89 -22.89
N THR A 330 2.68 4.00 -22.28
CA THR A 330 3.50 4.74 -21.33
C THR A 330 2.83 4.75 -19.96
N PHE A 331 3.62 4.38 -18.94
CA PHE A 331 3.13 4.20 -17.58
C PHE A 331 3.89 5.11 -16.61
N ARG A 332 3.16 5.67 -15.64
CA ARG A 332 3.70 6.60 -14.67
C ARG A 332 3.36 6.14 -13.27
N PRO A 333 4.30 6.23 -12.31
CA PRO A 333 3.98 5.85 -10.93
C PRO A 333 2.94 6.79 -10.35
N GLY A 334 1.91 6.20 -9.77
CA GLY A 334 0.84 7.01 -9.24
C GLY A 334 0.73 6.98 -7.73
N GLY A 335 -0.49 7.07 -7.24
CA GLY A 335 -0.78 6.99 -5.84
C GLY A 335 -1.74 8.09 -5.48
N GLY A 336 -1.91 8.27 -4.18
CA GLY A 336 -2.74 9.36 -3.70
C GLY A 336 -3.97 8.89 -2.98
N ASP A 337 -4.65 7.90 -3.55
CA ASP A 337 -5.81 7.27 -2.90
C ASP A 337 -5.31 6.07 -2.13
N MET A 338 -5.31 6.18 -0.80
CA MET A 338 -4.83 5.11 0.06
C MET A 338 -5.71 3.87 0.00
N ARG A 339 -6.94 3.99 -0.49
CA ARG A 339 -7.77 2.79 -0.60
C ARG A 339 -7.14 1.80 -1.54
N ASP A 340 -6.41 2.28 -2.55
CA ASP A 340 -5.70 1.36 -3.41
C ASP A 340 -4.70 0.54 -2.61
N ASN A 341 -4.11 1.12 -1.56
CA ASN A 341 -3.15 0.39 -0.74
C ASN A 341 -3.85 -0.70 0.06
N TRP A 342 -4.91 -0.35 0.79
CA TRP A 342 -5.72 -1.35 1.47
C TRP A 342 -6.26 -2.35 0.45
N ARG A 343 -6.63 -1.86 -0.74
CA ARG A 343 -7.23 -2.71 -1.76
C ARG A 343 -6.25 -3.78 -2.22
N SER A 344 -4.96 -3.46 -2.21
CA SER A 344 -3.92 -4.37 -2.67
C SER A 344 -3.76 -5.59 -1.76
N GLU A 345 -4.19 -5.49 -0.51
CA GLU A 345 -4.07 -6.59 0.44
C GLU A 345 -5.41 -7.26 0.70
N LEU A 346 -6.52 -6.60 0.37
CA LEU A 346 -7.86 -7.08 0.64
C LEU A 346 -8.53 -7.64 -0.60
N TYR A 347 -7.81 -7.72 -1.71
CA TYR A 347 -8.40 -8.08 -2.99
C TYR A 347 -9.04 -9.46 -2.97
N LYS A 348 -8.57 -10.36 -2.11
CA LYS A 348 -9.07 -11.73 -2.10
C LYS A 348 -10.24 -11.96 -1.14
N TYR A 349 -10.91 -10.88 -0.74
CA TYR A 349 -11.95 -11.02 0.27
C TYR A 349 -13.22 -10.34 -0.19
N LYS A 350 -14.29 -10.67 0.53
CA LYS A 350 -15.60 -10.08 0.34
C LYS A 350 -16.50 -10.57 1.47
N VAL A 351 -17.26 -9.67 2.03
CA VAL A 351 -18.15 -10.02 3.12
C VAL A 351 -19.51 -10.38 2.54
N VAL A 352 -20.15 -11.37 3.14
CA VAL A 352 -21.44 -11.85 2.68
C VAL A 352 -22.28 -12.21 3.90
N GLN A 353 -23.50 -11.69 3.92
CA GLN A 353 -24.44 -11.96 4.99
C GLN A 353 -24.98 -13.38 4.87
N ILE A 354 -24.89 -14.13 5.96
CA ILE A 354 -25.36 -15.51 5.95
C ILE A 354 -26.88 -15.49 6.02
N GLU A 355 -27.53 -15.96 4.95
CA GLU A 355 -28.98 -15.98 4.84
C GLU A 355 -29.54 -17.28 5.43
C1 NAG B . -8.94 -10.39 -14.45
C2 NAG B . -8.96 -9.60 -15.74
C3 NAG B . -10.37 -9.56 -16.29
C4 NAG B . -10.88 -10.98 -16.48
C5 NAG B . -10.71 -11.80 -15.19
C6 NAG B . -10.99 -13.28 -15.39
C7 NAG B . -7.12 -7.99 -15.65
C8 NAG B . -6.72 -6.56 -15.44
N2 NAG B . -8.43 -8.26 -15.56
O3 NAG B . -10.36 -8.86 -17.54
O4 NAG B . -12.26 -10.97 -16.84
O5 NAG B . -9.36 -11.71 -14.70
O6 NAG B . -12.38 -13.56 -15.33
O7 NAG B . -6.30 -8.87 -15.92
C1 NAG C . -6.91 -24.20 -2.45
C2 NAG C . -6.32 -25.37 -3.25
C3 NAG C . -4.80 -25.45 -3.09
C4 NAG C . -4.41 -25.52 -1.62
C5 NAG C . -5.27 -24.57 -0.78
C6 NAG C . -4.46 -23.76 0.22
C7 NAG C . -8.18 -26.98 -3.26
C8 NAG C . -8.65 -28.32 -2.79
N2 NAG C . -6.94 -26.63 -2.88
O3 NAG C . -4.16 -24.34 -3.72
O4 NAG C . -4.55 -26.86 -1.14
O5 NAG C . -5.91 -23.63 -1.64
O6 NAG C . -5.05 -22.49 0.45
O7 NAG C . -8.89 -26.24 -3.95
C1 NAG D . 8.58 -2.22 7.05
C2 NAG D . 8.68 -0.84 7.74
C3 NAG D . 10.02 -0.71 8.49
C4 NAG D . 10.30 -1.92 9.37
C5 NAG D . 10.16 -3.21 8.56
C6 NAG D . 10.33 -4.45 9.40
C7 NAG D . 7.62 1.17 6.81
C8 NAG D . 7.69 2.20 5.72
N2 NAG D . 8.56 0.22 6.76
O3 NAG D . 10.01 0.47 9.28
O4 NAG D . 11.65 -1.83 9.84
O5 NAG D . 8.85 -3.26 7.99
O6 NAG D . 9.14 -4.74 10.11
O7 NAG D . 6.74 1.19 7.67
C1 NAG E . -13.58 -2.05 -20.10
C2 NAG E . -15.02 -2.41 -20.43
C3 NAG E . -15.16 -2.58 -21.93
C4 NAG E . -14.94 -1.26 -22.66
C5 NAG E . -14.08 -0.29 -21.83
C6 NAG E . -14.88 0.64 -20.95
C7 NAG E . -15.83 -3.67 -18.48
C8 NAG E . -16.20 -5.03 -17.96
N2 NAG E . -15.42 -3.62 -19.75
O3 NAG E . -16.45 -3.10 -22.24
O4 NAG E . -14.28 -1.50 -23.90
O5 NAG E . -13.13 -0.97 -20.99
O6 NAG E . -14.64 2.00 -21.30
O7 NAG E . -15.89 -2.67 -17.77
C1 NAG F . 7.74 -13.72 -11.06
C2 NAG F . 8.59 -14.99 -11.11
C3 NAG F . 9.33 -15.08 -12.44
C4 NAG F . 8.35 -15.01 -13.60
C5 NAG F . 7.57 -13.71 -13.51
C6 NAG F . 6.51 -13.62 -14.58
C7 NAG F . 9.44 -15.86 -8.97
C8 NAG F . 10.49 -15.72 -7.92
N2 NAG F . 9.53 -15.02 -10.01
O3 NAG F . 10.04 -16.32 -12.50
O4 NAG F . 9.05 -15.05 -14.83
O5 NAG F . 6.90 -13.63 -12.25
O6 NAG F . 5.85 -12.35 -14.58
O7 NAG F . 8.52 -16.68 -8.88
C1 NAG G . 20.66 0.85 5.72
C2 NAG G . 21.55 -0.24 6.30
C3 NAG G . 22.30 0.28 7.52
C4 NAG G . 23.10 1.51 7.15
C5 NAG G . 22.16 2.56 6.56
C6 NAG G . 22.89 3.78 6.05
C7 NAG G . 21.05 -2.63 6.12
C8 NAG G . 20.16 -3.76 6.58
N2 NAG G . 20.78 -1.43 6.64
O3 NAG G . 23.18 -0.73 8.01
O4 NAG G . 23.76 2.03 8.29
O5 NAG G . 21.45 2.01 5.44
O6 NAG G . 23.81 3.45 5.01
O7 NAG G . 21.96 -2.80 5.31
C1 NAG H . 22.16 -6.99 -6.16
C2 NAG H . 23.23 -7.64 -5.25
C3 NAG H . 23.92 -8.81 -5.95
C4 NAG H . 22.90 -9.76 -6.56
C5 NAG H . 21.97 -8.99 -7.49
C6 NAG H . 20.93 -9.84 -8.13
C7 NAG H . 24.47 -6.40 -3.53
C8 NAG H . 25.55 -5.39 -3.27
N2 NAG H . 24.22 -6.67 -4.83
O3 NAG H . 24.68 -9.55 -5.00
O4 NAG H . 23.58 -10.81 -7.27
O5 NAG H . 21.29 -8.00 -6.71
O6 NAG H . 21.09 -11.21 -7.78
O7 NAG H . 23.84 -6.95 -2.63
C1 NAG I . 14.31 13.76 -9.69
C2 NAG I . 13.94 15.10 -10.33
C3 NAG I . 14.36 15.13 -11.81
C4 NAG I . 15.82 14.74 -11.96
C5 NAG I . 16.08 13.41 -11.25
C6 NAG I . 17.54 13.04 -11.21
C7 NAG I . 11.99 16.55 -9.96
C8 NAG I . 10.48 16.63 -9.90
N2 NAG I . 12.50 15.35 -10.23
O3 NAG I . 14.16 16.43 -12.34
O4 NAG I . 16.14 14.60 -13.33
O5 NAG I . 15.68 13.52 -9.88
O6 NAG I . 17.93 12.72 -9.89
O7 NAG I . 12.69 17.54 -9.80
C1 NAG J . 10.19 -8.96 3.45
C2 NAG J . 9.42 -9.40 4.70
C3 NAG J . 9.98 -10.73 5.22
C4 NAG J . 9.99 -11.76 4.10
C5 NAG J . 10.79 -11.21 2.94
C6 NAG J . 10.86 -12.15 1.76
C7 NAG J . 8.42 -7.62 6.05
C8 NAG J . 8.66 -6.58 7.11
N2 NAG J . 9.48 -8.37 5.72
O3 NAG J . 9.19 -11.21 6.31
O4 NAG J . 10.54 -13.01 4.53
O5 NAG J . 10.17 -10.01 2.48
O6 NAG J . 10.63 -11.46 0.53
O7 NAG J . 7.33 -7.77 5.52
C1 NAG K . 7.47 -7.81 -28.83
C2 NAG K . 8.13 -7.29 -30.11
C3 NAG K . 9.61 -7.63 -30.08
C4 NAG K . 10.25 -7.11 -28.79
C5 NAG K . 9.49 -7.60 -27.57
C6 NAG K . 10.03 -7.09 -26.26
C7 NAG K . 7.04 -7.11 -32.29
C8 NAG K . 6.43 -7.86 -33.44
N2 NAG K . 7.51 -7.85 -31.29
O3 NAG K . 10.25 -7.05 -31.21
O4 NAG K . 11.60 -7.55 -28.72
O5 NAG K . 8.11 -7.21 -27.67
O6 NAG K . 9.66 -7.94 -25.18
O7 NAG K . 7.10 -5.89 -32.28
N1 EPE L . -13.87 -0.06 15.19
C2 EPE L . -14.61 0.59 14.10
C3 EPE L . -14.90 -0.41 12.99
N4 EPE L . -13.71 -1.14 12.60
C5 EPE L . -12.80 -1.58 13.64
C6 EPE L . -12.57 -0.53 14.71
C7 EPE L . -13.73 -1.93 11.39
C8 EPE L . -13.92 -1.07 10.17
O8 EPE L . -15.29 -0.95 9.94
C9 EPE L . -13.66 0.90 16.27
C10 EPE L . -14.10 0.30 17.61
S EPE L . -13.97 1.59 18.86
O1S EPE L . -12.70 2.29 18.74
O2S EPE L . -15.06 2.50 18.61
O3S EPE L . -14.08 1.03 20.20
C10 A1AS5 M . -1.84 12.70 -0.11
CD A1AS5 M . -7.38 14.04 -0.48
NE A1AS5 M . -8.74 13.74 -1.00
CZ A1AS5 M . -9.47 14.81 -1.64
NH1 A1AS5 M . -10.59 14.57 -2.10
NH2 A1AS5 M . -9.00 15.96 -1.74
C06 A1AS5 M . -6.43 14.18 -1.73
C08 A1AS5 M . -4.27 13.03 -0.56
C09 A1AS5 M . -2.92 13.85 -0.32
C13 A1AS5 M . 0.09 12.07 1.52
C14 A1AS5 M . 0.30 10.82 1.08
C15 A1AS5 M . 1.31 10.01 1.73
C17 A1AS5 M . 2.01 10.50 2.81
C19 A1AS5 M . 1.75 11.73 3.27
C20 A1AS5 M . 0.78 12.52 2.64
C21 A1AS5 M . -2.85 15.04 -1.18
C22 A1AS5 M . -3.70 15.17 -2.35
C23 A1AS5 M . -4.08 13.78 -2.82
F16 A1AS5 M . 1.62 8.73 1.28
N07 A1AS5 M . -5.03 13.62 -1.70
N12 A1AS5 M . -0.92 12.97 0.99
O11 A1AS5 M . -1.87 11.62 -0.71
O24 A1AS5 M . -6.86 14.74 -2.78
CL1 A1AS5 M . 3.21 9.52 3.58
#